data_1UHL
#
_entry.id   1UHL
#
_cell.length_a   67.634
_cell.length_b   88.996
_cell.length_c   90.795
_cell.angle_alpha   90.00
_cell.angle_beta   90.00
_cell.angle_gamma   90.00
#
_symmetry.space_group_name_H-M   'P 21 21 21'
#
loop_
_entity.id
_entity.type
_entity.pdbx_description
1 polymer 'Retinoic acid receptor RXR-beta'
2 polymer 'Oxysterols receptor LXR-alpha'
3 polymer '10-mer peptide from Nuclear receptor coactivator 2'
4 non-polymer '(2E,4E)-11-METHOXY-3,7,11-TRIMETHYLDODECA-2,4-DIENOIC ACID'
5 non-polymer N-(2,2,2-TRIFLUOROETHYL)-N-{4-[2,2,2-TRIFLUORO-1-HYDROXY-1-(TRIFLUOROMETHYL)ETHYL]PHENYL}BENZENESULFONAMIDE
6 water water
#
loop_
_entity_poly.entity_id
_entity_poly.type
_entity_poly.pdbx_seq_one_letter_code
_entity_poly.pdbx_strand_id
1 'polypeptide(L)'
;EMPVDRILEAELAVEQKSDQGVEGPGGTGGSGSSPNDPVTNICQAADKQLFTLVEWAKRIPHFSSLPLDDQVILLRAGWN
ELLIASFSHRSIDVRDGILLATGLHVHRNSAHSAGVGAIFDRVLTELVSKMRDMRMDKTELGCLRAIILFNPDAKGLSNP
SEVEVLREKVYASLETYCKQKYPEQQGRFAKLLLRLPALRSIGLKCLEHLFFFKLIGDTPIDTFLMEMLEAPHQLA
;
A
2 'polypeptide(L)'
;MSPEQLGMIEKLVAAQQQCNRRSFSDRLRVTPWPMAPDPHSREARQQRFAHFTELAIVSVQEIVDFAKQLPGFLQLSRED
QIALLKTSAIEVMLLETSRRYNPGSESITFLKDFSYNREDFAKAGLQVEFINPIFEFSRAMNELQLNDAEFALLIAISIF
SADRPNVQDQLQVERLQHTYVEALHAYVSIHHPHDRLMFPRMLMKLVSLRTLSSVHSEQVFALRLQDKKLPPLLSEIWDV
HE
;
B
3 'polypeptide(L)' HKILHRLLQD C,D
#
loop_
_chem_comp.id
_chem_comp.type
_chem_comp.name
_chem_comp.formula
444 non-polymer N-(2,2,2-TRIFLUOROETHYL)-N-{4-[2,2,2-TRIFLUORO-1-HYDROXY-1-(TRIFLUOROMETHYL)ETHYL]PHENYL}BENZENESULFONAMIDE 'C17 H12 F9 N O3 S'
MEI non-polymer '(2E,4E)-11-METHOXY-3,7,11-TRIMETHYLDODECA-2,4-DIENOIC ACID' 'C16 H28 O3'
#
# COMPACT_ATOMS: atom_id res chain seq x y z
N GLU A 1 0.91 27.49 -4.58
CA GLU A 1 1.11 26.56 -3.41
C GLU A 1 1.85 25.27 -3.73
N MET A 2 1.31 24.44 -4.65
CA MET A 2 1.97 23.16 -5.01
C MET A 2 2.06 22.92 -6.53
N PRO A 3 2.66 23.83 -7.29
CA PRO A 3 2.35 23.86 -8.70
C PRO A 3 3.18 22.80 -9.36
N VAL A 4 2.46 22.12 -10.23
CA VAL A 4 2.91 20.94 -10.90
C VAL A 4 4.14 21.16 -11.79
N ASP A 5 4.30 22.36 -12.29
CA ASP A 5 5.50 22.64 -13.02
C ASP A 5 6.72 22.64 -12.08
N ARG A 6 6.60 23.09 -10.83
CA ARG A 6 7.82 23.14 -10.01
C ARG A 6 8.31 21.77 -9.54
N ILE A 7 7.44 20.78 -9.72
CA ILE A 7 7.67 19.38 -9.43
C ILE A 7 8.37 18.73 -10.63
N LEU A 8 7.77 18.84 -11.81
CA LEU A 8 8.42 18.34 -13.00
C LEU A 8 9.78 18.98 -13.15
N GLU A 9 9.97 20.17 -12.63
CA GLU A 9 11.30 20.78 -12.82
C GLU A 9 12.36 19.93 -12.14
N ALA A 10 12.24 19.81 -10.82
CA ALA A 10 12.85 18.74 -10.02
C ALA A 10 12.91 17.37 -10.77
N GLU A 11 11.77 16.82 -11.23
CA GLU A 11 11.87 15.55 -11.92
C GLU A 11 12.98 15.66 -12.94
N LEU A 12 12.98 16.76 -13.67
CA LEU A 12 13.97 17.00 -14.72
C LEU A 12 15.40 17.32 -14.22
N ALA A 13 15.53 18.12 -13.18
CA ALA A 13 16.84 18.65 -12.88
C ALA A 13 17.73 17.45 -12.56
N VAL A 14 17.15 16.50 -11.87
CA VAL A 14 17.84 15.29 -11.47
C VAL A 14 18.05 14.30 -12.68
N GLU A 15 17.40 14.63 -13.79
CA GLU A 15 17.55 14.01 -15.13
C GLU A 15 19.00 13.88 -15.65
N GLN A 16 19.35 12.65 -16.00
CA GLN A 16 20.74 12.24 -16.32
C GLN A 16 21.21 12.68 -17.73
N SER A 34 36.24 -4.92 -16.92
CA SER A 34 35.56 -5.04 -15.63
C SER A 34 34.07 -5.61 -15.56
N PRO A 35 33.77 -6.50 -14.57
CA PRO A 35 32.52 -7.33 -14.56
C PRO A 35 31.22 -6.77 -13.98
N ASN A 36 30.07 -7.25 -14.46
CA ASN A 36 28.75 -6.89 -13.90
C ASN A 36 28.03 -7.98 -13.11
N ASP A 37 28.17 -7.91 -11.79
CA ASP A 37 27.28 -8.63 -10.91
C ASP A 37 26.00 -7.76 -10.84
N PRO A 38 24.78 -8.32 -10.77
CA PRO A 38 23.54 -7.45 -10.68
C PRO A 38 23.26 -6.77 -9.29
N VAL A 39 23.81 -7.34 -8.24
CA VAL A 39 23.50 -6.82 -6.93
C VAL A 39 24.57 -5.80 -6.68
N THR A 40 25.74 -5.99 -7.24
CA THR A 40 26.81 -5.04 -6.97
C THR A 40 26.49 -3.80 -7.76
N ASN A 41 25.98 -4.01 -8.97
CA ASN A 41 25.62 -2.94 -9.87
C ASN A 41 24.45 -2.15 -9.28
N ILE A 42 23.43 -2.86 -8.74
CA ILE A 42 22.26 -2.21 -8.18
C ILE A 42 22.65 -1.32 -7.00
N CYS A 43 23.40 -1.87 -6.05
CA CYS A 43 23.80 -1.15 -4.85
C CYS A 43 24.56 0.03 -5.16
N GLN A 44 25.43 -0.07 -6.14
CA GLN A 44 26.21 1.12 -6.53
C GLN A 44 25.23 2.11 -7.02
N ALA A 45 24.29 1.66 -7.86
CA ALA A 45 23.33 2.58 -8.46
C ALA A 45 22.43 3.26 -7.41
N ALA A 46 22.14 2.57 -6.29
CA ALA A 46 21.20 3.10 -5.29
C ALA A 46 21.89 4.23 -4.58
N ASP A 47 23.03 3.90 -3.98
CA ASP A 47 23.93 4.96 -3.50
C ASP A 47 24.10 6.27 -4.32
N LYS A 48 24.07 6.18 -5.64
CA LYS A 48 24.55 7.23 -6.49
C LYS A 48 23.49 8.24 -6.40
N GLN A 49 22.31 7.67 -6.64
CA GLN A 49 20.97 8.21 -6.57
C GLN A 49 20.47 8.73 -5.21
N LEU A 50 20.79 7.96 -4.15
CA LEU A 50 20.57 8.49 -2.81
C LEU A 50 20.99 9.96 -2.76
N PHE A 51 22.20 10.28 -3.22
CA PHE A 51 22.71 11.65 -3.20
C PHE A 51 21.80 12.61 -3.95
N THR A 52 21.52 12.27 -5.19
CA THR A 52 20.63 13.12 -5.94
C THR A 52 19.16 13.08 -5.41
N LEU A 53 18.78 12.06 -4.59
CA LEU A 53 17.42 12.05 -4.01
C LEU A 53 17.17 13.37 -3.25
N VAL A 54 18.09 13.67 -2.34
CA VAL A 54 18.11 14.87 -1.48
C VAL A 54 17.98 16.20 -2.26
N GLU A 55 18.45 16.13 -3.49
CA GLU A 55 18.57 17.26 -4.35
C GLU A 55 17.24 17.37 -5.06
N TRP A 56 16.63 16.22 -5.37
CA TRP A 56 15.25 16.23 -5.87
C TRP A 56 14.26 16.70 -4.74
N ALA A 57 14.54 16.22 -3.51
CA ALA A 57 13.65 16.49 -2.34
C ALA A 57 13.45 17.99 -2.20
N LYS A 58 14.64 18.65 -2.16
CA LYS A 58 14.88 20.07 -1.90
C LYS A 58 14.14 20.99 -2.81
N ARG A 59 13.89 20.56 -4.03
CA ARG A 59 12.98 21.23 -4.98
C ARG A 59 11.56 20.74 -4.89
N ILE A 60 11.14 20.20 -3.79
CA ILE A 60 9.71 20.01 -3.75
C ILE A 60 9.14 21.16 -2.97
N PRO A 61 8.28 21.95 -3.62
CA PRO A 61 7.68 23.13 -2.98
C PRO A 61 7.30 22.73 -1.56
N HIS A 62 8.03 23.22 -0.58
CA HIS A 62 7.63 23.13 0.81
C HIS A 62 8.47 22.16 1.58
N PHE A 63 9.22 21.34 0.88
CA PHE A 63 9.89 20.28 1.60
C PHE A 63 11.04 20.88 2.42
N SER A 64 11.85 21.64 1.68
CA SER A 64 12.78 22.67 2.15
C SER A 64 12.40 23.06 3.58
N SER A 65 11.11 23.27 3.83
CA SER A 65 10.65 24.03 5.00
C SER A 65 10.05 23.30 6.19
N LEU A 66 9.78 22.00 6.12
CA LEU A 66 9.58 21.37 7.45
C LEU A 66 10.93 21.30 8.21
N PRO A 67 10.85 21.30 9.55
CA PRO A 67 11.99 21.06 10.42
C PRO A 67 12.93 19.99 9.88
N LEU A 68 14.25 20.19 10.07
CA LEU A 68 15.23 19.14 9.84
C LEU A 68 14.72 17.76 10.21
N ASP A 69 14.48 17.52 11.49
CA ASP A 69 14.25 16.15 11.94
C ASP A 69 13.11 15.40 11.21
N ASP A 70 12.17 16.20 10.75
CA ASP A 70 11.14 15.78 9.80
C ASP A 70 11.71 15.56 8.37
N GLN A 71 12.32 16.56 7.72
CA GLN A 71 12.97 16.29 6.44
C GLN A 71 13.74 14.94 6.48
N VAL A 72 14.33 14.55 7.62
CA VAL A 72 15.23 13.37 7.71
C VAL A 72 14.47 12.10 7.96
N ILE A 73 13.24 12.21 8.43
CA ILE A 73 12.45 11.02 8.69
C ILE A 73 11.77 10.65 7.40
N LEU A 74 11.49 11.66 6.59
CA LEU A 74 10.75 11.37 5.36
C LEU A 74 11.62 10.82 4.24
N LEU A 75 12.82 11.37 4.10
CA LEU A 75 13.81 10.72 3.24
C LEU A 75 14.27 9.35 3.79
N ARG A 76 14.18 9.14 5.07
CA ARG A 76 14.61 7.85 5.47
C ARG A 76 13.48 6.84 5.10
N ALA A 77 12.25 7.21 5.52
CA ALA A 77 11.09 6.36 5.33
C ALA A 77 10.72 6.08 3.88
N GLY A 78 11.14 6.96 2.93
CA GLY A 78 10.53 7.06 1.62
C GLY A 78 11.55 6.84 0.51
N TRP A 79 12.86 6.97 0.80
CA TRP A 79 13.90 6.69 -0.20
C TRP A 79 13.72 5.47 -1.04
N ASN A 80 13.44 4.26 -0.50
CA ASN A 80 13.40 3.07 -1.40
C ASN A 80 12.25 3.01 -2.34
N GLU A 81 11.09 3.27 -1.85
CA GLU A 81 10.00 3.50 -2.78
C GLU A 81 10.27 4.67 -3.79
N LEU A 82 11.06 5.72 -3.45
CA LEU A 82 11.34 6.79 -4.43
C LEU A 82 12.33 6.35 -5.49
N LEU A 83 13.28 5.48 -5.16
CA LEU A 83 14.27 5.16 -6.16
C LEU A 83 13.58 4.22 -7.14
N ILE A 84 12.79 3.32 -6.59
CA ILE A 84 12.14 2.31 -7.42
C ILE A 84 11.27 3.00 -8.44
N ALA A 85 10.37 3.87 -7.96
CA ALA A 85 9.42 4.42 -8.89
C ALA A 85 10.21 5.05 -10.03
N SER A 86 11.21 5.81 -9.65
CA SER A 86 12.03 6.52 -10.56
C SER A 86 12.64 5.58 -11.57
N PHE A 87 13.08 4.37 -11.20
CA PHE A 87 13.76 3.50 -12.16
C PHE A 87 12.84 2.69 -13.06
N SER A 88 11.66 2.45 -12.53
CA SER A 88 10.68 1.71 -13.30
C SER A 88 10.28 2.67 -14.34
N HIS A 89 10.13 3.93 -13.93
CA HIS A 89 9.64 4.84 -14.89
C HIS A 89 10.67 5.02 -15.98
N ARG A 90 11.93 5.09 -15.59
CA ARG A 90 12.99 5.31 -16.57
C ARG A 90 13.24 4.07 -17.41
N SER A 91 12.50 3.02 -17.15
CA SER A 91 12.84 1.73 -17.76
C SER A 91 11.85 1.41 -18.88
N ILE A 92 11.01 2.36 -19.19
CA ILE A 92 9.98 2.10 -20.16
C ILE A 92 10.34 1.34 -21.46
N ASP A 93 11.44 1.63 -22.11
CA ASP A 93 11.62 0.90 -23.34
C ASP A 93 12.78 -0.13 -23.26
N VAL A 94 13.15 -0.48 -22.02
CA VAL A 94 13.90 -1.69 -21.77
C VAL A 94 12.92 -2.87 -21.91
N ARG A 95 13.46 -4.04 -22.26
CA ARG A 95 12.63 -5.19 -22.43
C ARG A 95 13.13 -6.21 -21.44
N ASP A 96 12.14 -6.88 -20.83
CA ASP A 96 12.31 -7.74 -19.68
C ASP A 96 13.57 -7.31 -18.93
N GLY A 97 13.41 -6.19 -18.20
CA GLY A 97 14.51 -5.49 -17.57
C GLY A 97 14.19 -4.13 -16.99
N ILE A 98 15.25 -3.45 -16.53
CA ILE A 98 15.24 -2.19 -15.83
C ILE A 98 16.59 -1.55 -16.10
N LEU A 99 16.64 -0.21 -16.11
CA LEU A 99 17.86 0.51 -16.48
C LEU A 99 18.45 1.36 -15.37
N LEU A 100 19.51 0.85 -14.78
CA LEU A 100 20.22 1.49 -13.69
C LEU A 100 20.68 2.85 -14.13
N ALA A 101 20.55 3.83 -13.23
CA ALA A 101 21.09 5.21 -13.28
C ALA A 101 22.48 5.30 -13.79
N THR A 102 23.23 4.21 -13.59
CA THR A 102 24.64 4.11 -14.04
C THR A 102 24.80 3.80 -15.52
N GLY A 103 23.70 3.47 -16.17
CA GLY A 103 23.80 2.97 -17.51
C GLY A 103 23.79 1.46 -17.65
N LEU A 104 24.15 0.76 -16.60
CA LEU A 104 24.18 -0.67 -16.66
C LEU A 104 22.72 -1.21 -16.65
N HIS A 105 22.46 -2.44 -17.11
CA HIS A 105 21.10 -2.92 -17.01
C HIS A 105 21.09 -4.10 -16.07
N VAL A 106 19.90 -4.44 -15.59
CA VAL A 106 19.64 -5.74 -15.02
C VAL A 106 18.38 -6.30 -15.75
N HIS A 107 18.42 -7.59 -16.12
CA HIS A 107 17.31 -8.30 -16.78
C HIS A 107 16.90 -9.55 -16.01
N ARG A 108 15.69 -10.07 -16.28
CA ARG A 108 15.16 -11.17 -15.48
C ARG A 108 16.16 -12.29 -15.20
N ASN A 109 16.77 -12.78 -16.28
CA ASN A 109 17.77 -13.85 -16.14
C ASN A 109 18.69 -13.68 -14.84
N SER A 110 19.41 -12.53 -14.74
CA SER A 110 20.23 -12.20 -13.55
C SER A 110 19.38 -11.95 -12.32
N ALA A 111 18.36 -11.09 -12.42
CA ALA A 111 17.49 -10.91 -11.27
C ALA A 111 17.21 -12.34 -10.70
N HIS A 112 16.80 -13.27 -11.56
CA HIS A 112 16.42 -14.56 -11.04
C HIS A 112 17.53 -15.28 -10.50
N SER A 113 18.68 -15.21 -11.17
CA SER A 113 19.91 -15.79 -10.60
C SER A 113 20.16 -15.33 -9.21
N ALA A 114 20.15 -14.02 -9.01
CA ALA A 114 20.59 -13.43 -7.74
C ALA A 114 19.68 -13.66 -6.55
N GLY A 115 18.52 -14.28 -6.82
CA GLY A 115 17.60 -14.79 -5.82
C GLY A 115 16.46 -13.79 -5.70
N VAL A 116 16.57 -12.60 -6.32
CA VAL A 116 15.56 -11.53 -6.34
C VAL A 116 14.44 -11.72 -7.41
N GLY A 117 14.31 -12.94 -7.86
CA GLY A 117 13.43 -13.22 -9.00
C GLY A 117 12.01 -12.69 -8.88
N ALA A 118 11.43 -12.84 -7.72
CA ALA A 118 9.99 -12.76 -7.75
C ALA A 118 9.54 -11.29 -7.72
N ILE A 119 10.28 -10.39 -6.96
CA ILE A 119 9.86 -8.96 -6.87
C ILE A 119 10.42 -8.30 -8.07
N PHE A 120 11.60 -8.75 -8.52
CA PHE A 120 11.97 -8.21 -9.83
C PHE A 120 10.82 -8.40 -10.79
N ASP A 121 10.22 -9.59 -10.96
CA ASP A 121 9.16 -9.59 -12.00
C ASP A 121 7.99 -8.72 -11.63
N ARG A 122 7.51 -8.85 -10.38
CA ARG A 122 6.57 -7.89 -9.76
C ARG A 122 6.82 -6.43 -10.12
N VAL A 123 8.05 -5.93 -9.95
CA VAL A 123 8.46 -4.60 -10.49
C VAL A 123 8.23 -4.38 -11.99
N LEU A 124 8.72 -5.35 -12.77
CA LEU A 124 8.29 -5.37 -14.15
C LEU A 124 6.77 -5.32 -14.33
N THR A 125 6.00 -6.22 -13.72
CA THR A 125 4.60 -6.28 -14.15
C THR A 125 3.71 -5.17 -13.63
N GLU A 126 3.79 -4.90 -12.35
CA GLU A 126 3.04 -3.79 -11.73
C GLU A 126 3.61 -2.33 -11.90
N LEU A 127 4.89 -2.18 -12.20
CA LEU A 127 5.41 -0.81 -12.44
C LEU A 127 5.93 -0.53 -13.84
N VAL A 128 7.01 -1.19 -14.28
CA VAL A 128 7.58 -0.72 -15.56
C VAL A 128 6.45 -0.75 -16.62
N SER A 129 5.89 -1.94 -16.86
CA SER A 129 4.75 -2.15 -17.72
C SER A 129 3.62 -1.16 -17.63
N LYS A 130 2.98 -0.98 -16.49
CA LYS A 130 1.78 -0.13 -16.38
C LYS A 130 2.17 1.30 -16.59
N MET A 131 3.38 1.59 -16.15
CA MET A 131 3.96 2.87 -16.45
C MET A 131 4.16 3.00 -17.97
N ARG A 132 4.36 1.90 -18.69
CA ARG A 132 4.22 1.90 -20.19
C ARG A 132 2.78 2.02 -20.68
N ASP A 133 1.94 1.04 -20.29
CA ASP A 133 0.62 0.94 -20.89
C ASP A 133 0.07 2.33 -20.79
N MET A 134 0.14 3.00 -19.65
CA MET A 134 -0.49 4.31 -19.61
C MET A 134 0.37 5.45 -20.12
N ARG A 135 1.67 5.29 -20.32
CA ARG A 135 2.42 6.46 -20.75
C ARG A 135 2.44 7.49 -19.66
N MET A 136 2.56 7.04 -18.43
CA MET A 136 2.67 8.01 -17.37
C MET A 136 3.78 9.03 -17.77
N ASP A 137 3.40 10.31 -17.87
CA ASP A 137 4.36 11.34 -18.22
C ASP A 137 5.19 11.75 -17.01
N LYS A 138 6.21 12.56 -17.24
CA LYS A 138 7.08 12.99 -16.12
C LYS A 138 6.51 13.87 -15.01
N THR A 139 5.47 14.66 -15.26
CA THR A 139 4.89 15.42 -14.15
C THR A 139 4.26 14.42 -13.26
N GLU A 140 3.47 13.55 -13.90
CA GLU A 140 2.73 12.53 -13.22
C GLU A 140 3.69 11.73 -12.33
N LEU A 141 4.87 11.38 -12.85
CA LEU A 141 5.83 10.74 -11.96
C LEU A 141 6.27 11.61 -10.75
N GLY A 142 6.65 12.86 -11.02
CA GLY A 142 7.16 13.80 -10.03
C GLY A 142 6.18 13.97 -8.89
N CYS A 143 4.88 14.07 -9.29
CA CYS A 143 3.78 14.16 -8.37
C CYS A 143 3.55 12.87 -7.62
N LEU A 144 3.77 11.75 -8.28
CA LEU A 144 3.55 10.49 -7.56
C LEU A 144 4.62 10.39 -6.49
N ARG A 145 5.75 11.04 -6.79
CA ARG A 145 6.88 10.95 -5.90
C ARG A 145 6.78 11.94 -4.83
N ALA A 146 6.29 13.14 -5.14
CA ALA A 146 5.94 14.04 -4.03
C ALA A 146 4.89 13.40 -3.05
N ILE A 147 3.76 12.91 -3.58
CA ILE A 147 2.84 12.26 -2.72
C ILE A 147 3.60 11.24 -1.90
N ILE A 148 4.51 10.47 -2.51
CA ILE A 148 5.27 9.46 -1.72
C ILE A 148 6.13 10.09 -0.63
N LEU A 149 7.10 10.94 -1.03
CA LEU A 149 7.84 11.76 -0.05
C LEU A 149 6.99 12.45 1.11
N PHE A 150 5.78 12.92 0.83
CA PHE A 150 5.04 13.51 1.88
C PHE A 150 4.23 12.42 2.66
N ASN A 151 4.97 11.57 3.39
CA ASN A 151 4.35 10.41 4.09
C ASN A 151 3.94 10.54 5.58
N PRO A 152 2.70 11.00 5.81
CA PRO A 152 2.18 11.21 7.18
C PRO A 152 2.19 9.97 8.11
N ASP A 153 2.34 8.71 7.66
CA ASP A 153 2.47 7.59 8.62
C ASP A 153 3.89 7.36 9.17
N ALA A 154 4.81 8.27 8.89
CA ALA A 154 6.20 8.06 9.26
C ALA A 154 6.38 8.19 10.76
N LYS A 155 6.90 7.11 11.37
CA LYS A 155 7.06 7.12 12.83
C LYS A 155 8.08 8.24 13.12
N GLY A 156 7.71 9.19 13.99
CA GLY A 156 8.65 10.16 14.53
C GLY A 156 8.44 11.64 14.22
N LEU A 157 7.63 11.94 13.20
CA LEU A 157 7.27 13.29 12.70
C LEU A 157 6.78 14.17 13.78
N SER A 158 7.37 15.37 13.85
CA SER A 158 6.85 16.43 14.71
C SER A 158 5.38 16.82 14.49
N ASN A 159 4.90 16.72 13.25
CA ASN A 159 3.61 17.24 12.86
C ASN A 159 2.98 16.49 11.67
N PRO A 160 2.61 15.22 11.85
CA PRO A 160 2.07 14.43 10.77
C PRO A 160 1.02 15.19 9.93
N SER A 161 0.22 16.09 10.50
CA SER A 161 -0.84 16.73 9.70
C SER A 161 -0.27 17.80 8.80
N GLU A 162 0.83 18.45 9.20
CA GLU A 162 1.56 19.29 8.23
C GLU A 162 1.98 18.43 7.03
N VAL A 163 2.63 17.30 7.29
CA VAL A 163 3.00 16.49 6.17
C VAL A 163 1.80 16.21 5.34
N GLU A 164 0.68 15.88 5.97
CA GLU A 164 -0.47 15.44 5.13
C GLU A 164 -1.20 16.52 4.35
N VAL A 165 -1.33 17.67 4.96
CA VAL A 165 -1.79 18.80 4.21
C VAL A 165 -0.93 18.95 2.92
N LEU A 166 0.42 18.91 3.00
CA LEU A 166 1.28 19.12 1.82
C LEU A 166 1.00 18.10 0.78
N ARG A 167 0.84 16.87 1.26
CA ARG A 167 0.47 15.75 0.42
C ARG A 167 -0.74 16.16 -0.32
N GLU A 168 -1.78 16.48 0.44
CA GLU A 168 -3.03 16.77 -0.23
C GLU A 168 -2.95 17.96 -1.23
N LYS A 169 -2.01 18.88 -1.02
CA LYS A 169 -1.71 19.85 -2.04
C LYS A 169 -1.35 19.21 -3.40
N VAL A 170 -0.50 18.18 -3.42
CA VAL A 170 -0.24 17.35 -4.63
C VAL A 170 -1.48 16.69 -5.28
N TYR A 171 -2.20 15.89 -4.50
CA TYR A 171 -3.53 15.42 -4.94
C TYR A 171 -4.36 16.50 -5.70
N ALA A 172 -4.33 17.76 -5.28
CA ALA A 172 -5.27 18.66 -5.99
C ALA A 172 -4.59 19.24 -7.22
N SER A 173 -3.33 19.64 -7.08
CA SER A 173 -2.50 19.91 -8.21
C SER A 173 -2.62 18.80 -9.24
N LEU A 174 -2.38 17.53 -8.86
CA LEU A 174 -2.30 16.48 -9.88
C LEU A 174 -3.64 16.16 -10.53
N GLU A 175 -4.69 15.93 -9.76
CA GLU A 175 -6.02 15.75 -10.36
C GLU A 175 -6.26 16.86 -11.40
N THR A 176 -6.56 18.09 -10.99
CA THR A 176 -6.45 19.29 -11.87
C THR A 176 -5.54 19.06 -13.10
N TYR A 177 -4.29 18.67 -12.91
CA TYR A 177 -3.41 18.49 -14.08
C TYR A 177 -3.92 17.39 -15.06
N CYS A 178 -4.35 16.26 -14.54
CA CYS A 178 -4.82 15.16 -15.37
C CYS A 178 -6.08 15.55 -16.13
N LYS A 179 -6.91 16.37 -15.52
CA LYS A 179 -8.00 17.02 -16.23
C LYS A 179 -7.60 18.02 -17.36
N GLN A 180 -6.45 18.70 -17.22
CA GLN A 180 -5.75 19.41 -18.30
C GLN A 180 -5.20 18.38 -19.30
N LYS A 181 -4.02 17.78 -19.09
CA LYS A 181 -3.33 17.16 -20.23
C LYS A 181 -4.13 16.02 -20.88
N TYR A 182 -4.98 15.36 -20.08
CA TYR A 182 -5.66 14.17 -20.56
C TYR A 182 -7.13 14.23 -20.25
N PRO A 183 -7.92 15.12 -20.88
CA PRO A 183 -9.32 15.32 -20.42
C PRO A 183 -10.23 14.13 -20.77
N GLU A 184 -9.76 13.27 -21.70
CA GLU A 184 -10.57 12.16 -22.19
C GLU A 184 -10.36 10.91 -21.38
N GLN A 185 -9.23 10.82 -20.68
CA GLN A 185 -9.12 9.72 -19.73
C GLN A 185 -9.79 10.09 -18.36
N GLN A 186 -10.89 9.39 -18.13
CA GLN A 186 -11.79 9.69 -17.05
C GLN A 186 -11.13 9.59 -15.70
N GLY A 187 -10.47 8.47 -15.45
CA GLY A 187 -9.97 8.26 -14.10
C GLY A 187 -8.48 8.31 -13.89
N ARG A 188 -7.77 9.07 -14.71
CA ARG A 188 -6.37 8.78 -14.89
C ARG A 188 -5.63 9.06 -13.58
N PHE A 189 -6.08 10.12 -12.91
CA PHE A 189 -5.69 10.43 -11.54
C PHE A 189 -5.82 9.18 -10.65
N ALA A 190 -6.99 8.57 -10.51
CA ALA A 190 -6.95 7.26 -9.79
C ALA A 190 -6.04 6.13 -10.38
N LYS A 191 -6.06 5.91 -11.71
CA LYS A 191 -5.06 5.02 -12.29
C LYS A 191 -3.69 5.43 -11.71
N LEU A 192 -3.30 6.70 -11.86
CA LEU A 192 -2.07 7.18 -11.20
C LEU A 192 -1.88 6.63 -9.78
N LEU A 193 -2.87 6.74 -8.91
CA LEU A 193 -2.56 6.38 -7.55
C LEU A 193 -2.72 4.91 -7.23
N LEU A 194 -3.55 4.17 -7.96
CA LEU A 194 -3.67 2.72 -7.72
C LEU A 194 -2.33 1.86 -7.85
N ARG A 195 -1.24 2.58 -8.26
CA ARG A 195 0.14 2.16 -8.39
C ARG A 195 0.87 2.20 -7.03
N LEU A 196 0.37 3.05 -6.12
CA LEU A 196 1.12 3.31 -4.89
C LEU A 196 0.97 2.16 -3.86
N PRO A 197 -0.23 1.56 -3.73
CA PRO A 197 -0.37 0.32 -2.89
C PRO A 197 0.59 -0.80 -3.38
N ALA A 198 0.55 -1.21 -4.65
CA ALA A 198 1.61 -2.13 -5.09
C ALA A 198 2.98 -1.52 -4.88
N LEU A 199 3.18 -0.22 -5.15
CA LEU A 199 4.53 0.31 -4.92
C LEU A 199 5.00 0.01 -3.52
N ARG A 200 4.05 -0.15 -2.61
CA ARG A 200 4.35 -0.19 -1.21
C ARG A 200 4.71 -1.61 -0.82
N SER A 201 4.00 -2.59 -1.37
CA SER A 201 4.24 -3.96 -0.98
C SER A 201 5.57 -4.37 -1.56
N ILE A 202 5.71 -4.02 -2.86
CA ILE A 202 6.90 -4.21 -3.63
C ILE A 202 8.07 -3.61 -2.87
N GLY A 203 7.95 -2.37 -2.36
CA GLY A 203 9.11 -1.71 -1.77
C GLY A 203 9.49 -2.30 -0.40
N LEU A 204 8.48 -2.79 0.31
CA LEU A 204 8.77 -3.50 1.54
C LEU A 204 9.59 -4.77 1.23
N LYS A 205 9.27 -5.48 0.13
CA LYS A 205 9.95 -6.74 -0.13
C LYS A 205 11.40 -6.48 -0.58
N CYS A 206 11.58 -5.49 -1.48
CA CYS A 206 12.93 -5.07 -1.93
C CYS A 206 13.82 -4.74 -0.75
N LEU A 207 13.24 -4.18 0.31
CA LEU A 207 14.10 -3.81 1.42
C LEU A 207 14.60 -5.11 2.15
N GLU A 208 13.67 -6.01 2.50
CA GLU A 208 14.09 -7.25 3.13
C GLU A 208 15.25 -7.90 2.35
N HIS A 209 15.31 -7.71 1.01
CA HIS A 209 16.42 -8.20 0.21
C HIS A 209 17.63 -7.34 0.46
N LEU A 210 17.54 -6.02 0.40
CA LEU A 210 18.75 -5.26 0.73
C LEU A 210 19.24 -5.64 2.16
N PHE A 211 18.30 -5.98 3.05
CA PHE A 211 18.70 -6.29 4.43
C PHE A 211 19.52 -7.58 4.44
N PHE A 212 18.93 -8.60 3.87
CA PHE A 212 19.61 -9.84 3.70
C PHE A 212 20.93 -9.69 2.89
N PHE A 213 21.05 -8.79 1.90
CA PHE A 213 22.38 -8.57 1.22
C PHE A 213 23.44 -7.89 2.09
N LYS A 214 23.02 -6.91 2.87
CA LYS A 214 23.89 -6.36 3.89
C LYS A 214 24.38 -7.40 4.91
N LEU A 215 23.51 -8.24 5.44
CA LEU A 215 23.89 -9.24 6.48
C LEU A 215 24.88 -10.38 6.03
N ILE A 216 24.75 -10.86 4.79
CA ILE A 216 25.60 -11.91 4.20
C ILE A 216 26.98 -11.30 4.04
N GLY A 217 27.02 -9.96 4.04
CA GLY A 217 28.24 -9.20 3.88
C GLY A 217 28.91 -9.30 2.53
N ASP A 218 28.59 -10.31 1.75
CA ASP A 218 29.30 -10.68 0.50
C ASP A 218 28.97 -9.80 -0.72
N THR A 219 28.11 -8.80 -0.47
CA THR A 219 27.69 -7.80 -1.47
C THR A 219 28.22 -6.48 -0.97
N PRO A 220 28.87 -5.69 -1.85
CA PRO A 220 29.65 -4.49 -1.43
C PRO A 220 28.79 -3.24 -1.23
N ILE A 221 28.49 -2.88 0.01
CA ILE A 221 27.64 -1.71 0.18
C ILE A 221 28.50 -0.47 0.29
N ASP A 222 27.88 0.67 0.00
CA ASP A 222 28.55 1.93 -0.11
C ASP A 222 28.02 2.85 0.97
N THR A 223 28.92 3.50 1.66
CA THR A 223 28.64 4.69 2.45
C THR A 223 27.16 5.21 2.58
N PHE A 224 26.63 5.96 1.62
CA PHE A 224 25.27 6.43 1.80
C PHE A 224 24.18 5.36 1.98
N LEU A 225 24.12 4.35 1.14
CA LEU A 225 23.04 3.39 1.24
C LEU A 225 23.15 2.64 2.53
N MET A 226 24.38 2.40 2.92
CA MET A 226 24.69 1.80 4.20
C MET A 226 24.06 2.50 5.43
N GLU A 227 24.19 3.83 5.51
CA GLU A 227 23.54 4.60 6.53
C GLU A 227 21.99 4.42 6.48
N MET A 228 21.42 4.41 5.29
CA MET A 228 20.00 4.22 5.13
C MET A 228 19.49 2.92 5.72
N LEU A 229 20.37 1.94 5.92
CA LEU A 229 20.06 0.53 6.12
C LEU A 229 20.47 0.10 7.54
N GLU A 230 21.01 1.03 8.31
CA GLU A 230 21.30 0.80 9.72
C GLU A 230 20.36 1.75 10.55
N ALA A 231 19.19 1.20 10.95
CA ALA A 231 18.22 1.95 11.82
C ALA A 231 18.83 2.39 13.16
N MET B 1 -23.30 9.07 -9.09
CA MET B 1 -23.54 10.00 -10.28
C MET B 1 -24.74 9.48 -11.12
N SER B 2 -24.46 8.52 -12.01
CA SER B 2 -25.46 7.70 -12.73
C SER B 2 -26.40 6.94 -11.78
N PRO B 3 -27.67 6.78 -12.12
CA PRO B 3 -28.61 6.05 -11.24
C PRO B 3 -28.17 4.60 -11.09
N GLU B 4 -27.70 4.01 -12.19
CA GLU B 4 -26.93 2.76 -12.28
C GLU B 4 -25.80 2.62 -11.17
N GLN B 5 -24.70 3.38 -11.24
CA GLN B 5 -23.83 3.66 -10.05
C GLN B 5 -24.68 3.75 -8.76
N LEU B 6 -25.67 4.63 -8.66
CA LEU B 6 -26.33 4.78 -7.36
C LEU B 6 -27.04 3.46 -6.90
N GLY B 7 -27.69 2.75 -7.79
CA GLY B 7 -28.29 1.50 -7.40
C GLY B 7 -27.25 0.44 -7.09
N MET B 8 -26.09 0.52 -7.73
CA MET B 8 -25.09 -0.43 -7.39
C MET B 8 -24.62 -0.13 -5.99
N ILE B 9 -24.34 1.11 -5.65
CA ILE B 9 -23.95 1.38 -4.26
C ILE B 9 -24.99 0.85 -3.24
N GLU B 10 -26.28 1.01 -3.56
CA GLU B 10 -27.35 0.71 -2.62
C GLU B 10 -27.37 -0.80 -2.39
N LYS B 11 -27.27 -1.56 -3.48
CA LYS B 11 -27.18 -2.99 -3.41
C LYS B 11 -25.95 -3.44 -2.55
N LEU B 12 -24.86 -2.68 -2.62
CA LEU B 12 -23.60 -2.95 -1.85
C LEU B 12 -23.78 -2.70 -0.37
N VAL B 13 -24.32 -1.54 -0.04
CA VAL B 13 -24.55 -1.24 1.34
C VAL B 13 -25.39 -2.39 1.89
N ALA B 14 -26.56 -2.64 1.28
CA ALA B 14 -27.40 -3.81 1.61
C ALA B 14 -26.60 -5.10 1.72
N ALA B 15 -25.74 -5.36 0.73
CA ALA B 15 -24.91 -6.55 0.66
C ALA B 15 -24.08 -6.68 1.96
N GLN B 16 -23.26 -5.66 2.24
CA GLN B 16 -22.54 -5.52 3.50
C GLN B 16 -23.51 -5.66 4.65
N GLN B 17 -24.42 -4.71 4.71
CA GLN B 17 -25.36 -4.44 5.81
C GLN B 17 -26.33 -5.56 6.18
N GLN B 18 -25.97 -6.83 5.89
CA GLN B 18 -26.81 -8.05 6.06
C GLN B 18 -25.94 -9.29 6.26
N CYS B 19 -24.89 -9.37 5.43
CA CYS B 19 -23.66 -10.11 5.74
C CYS B 19 -23.18 -9.77 7.15
N ASN B 20 -22.99 -8.45 7.37
CA ASN B 20 -22.73 -7.75 8.64
C ASN B 20 -23.65 -8.13 9.78
N ARG B 21 -24.37 -9.24 9.65
CA ARG B 21 -24.88 -10.04 10.79
C ARG B 21 -25.77 -11.29 10.52
N ARG B 22 -25.06 -12.33 10.08
CA ARG B 22 -25.04 -13.62 10.77
C ARG B 22 -24.12 -13.43 12.05
N SER B 23 -24.70 -13.63 13.24
CA SER B 23 -24.03 -13.28 14.50
C SER B 23 -23.45 -14.50 15.25
N PHE B 24 -22.11 -14.62 15.18
CA PHE B 24 -21.22 -15.50 15.98
C PHE B 24 -21.72 -16.90 16.40
N GLU B 43 -1.14 -16.69 33.81
CA GLU B 43 -2.30 -16.82 32.91
C GLU B 43 -2.45 -18.19 32.16
N ALA B 44 -3.33 -19.06 32.68
CA ALA B 44 -3.96 -20.17 31.93
C ALA B 44 -4.79 -19.63 30.74
N ARG B 45 -5.15 -18.36 30.87
CA ARG B 45 -5.96 -17.65 29.92
C ARG B 45 -5.14 -17.33 28.61
N GLN B 46 -4.55 -18.40 28.03
CA GLN B 46 -4.13 -18.40 26.61
C GLN B 46 -5.38 -18.16 25.82
N GLN B 47 -6.30 -19.14 25.90
CA GLN B 47 -7.74 -19.01 25.55
C GLN B 47 -8.27 -17.59 25.23
N ARG B 48 -7.68 -16.56 25.88
CA ARG B 48 -7.84 -15.11 25.51
C ARG B 48 -7.50 -15.02 24.01
N PHE B 49 -6.26 -15.30 23.65
CA PHE B 49 -5.86 -15.53 22.26
C PHE B 49 -6.84 -16.38 21.47
N ALA B 50 -6.94 -17.68 21.71
CA ALA B 50 -7.97 -18.50 21.03
C ALA B 50 -9.38 -17.86 20.93
N HIS B 51 -9.66 -16.84 21.76
CA HIS B 51 -10.78 -15.90 21.52
C HIS B 51 -10.58 -15.14 20.22
N PHE B 52 -9.54 -14.31 20.21
CA PHE B 52 -9.24 -13.50 19.03
C PHE B 52 -9.34 -14.33 17.77
N THR B 53 -8.85 -15.56 17.87
CA THR B 53 -8.98 -16.62 16.89
C THR B 53 -10.46 -16.91 16.46
N GLU B 54 -11.29 -17.27 17.44
CA GLU B 54 -12.73 -17.50 17.19
C GLU B 54 -13.17 -16.32 16.27
N LEU B 55 -12.82 -15.08 16.67
CA LEU B 55 -13.33 -13.84 16.05
C LEU B 55 -12.89 -13.74 14.61
N ALA B 56 -11.58 -13.74 14.36
CA ALA B 56 -11.08 -13.58 13.01
C ALA B 56 -11.74 -14.52 11.95
N ILE B 57 -12.07 -15.76 12.34
CA ILE B 57 -12.94 -16.70 11.58
C ILE B 57 -14.30 -16.12 11.19
N VAL B 58 -14.97 -15.49 12.15
CA VAL B 58 -16.27 -14.89 11.89
C VAL B 58 -16.17 -13.84 10.75
N SER B 59 -15.14 -12.99 10.84
CA SER B 59 -14.78 -12.11 9.76
C SER B 59 -14.50 -12.88 8.51
N VAL B 60 -13.54 -13.80 8.54
CA VAL B 60 -13.16 -14.46 7.30
C VAL B 60 -14.42 -14.95 6.58
N GLN B 61 -15.26 -15.72 7.29
CA GLN B 61 -16.69 -15.95 6.91
C GLN B 61 -17.47 -14.78 6.25
N GLU B 62 -17.75 -13.72 7.01
CA GLU B 62 -18.31 -12.50 6.43
C GLU B 62 -17.62 -11.94 5.14
N ILE B 63 -16.31 -12.13 5.00
CA ILE B 63 -15.60 -11.47 3.92
C ILE B 63 -15.85 -12.25 2.62
N VAL B 64 -15.91 -13.57 2.75
CA VAL B 64 -16.19 -14.44 1.60
C VAL B 64 -17.64 -14.32 1.28
N ASP B 65 -18.39 -14.05 2.33
CA ASP B 65 -19.81 -13.87 2.19
C ASP B 65 -20.13 -12.64 1.39
N PHE B 66 -19.48 -11.52 1.74
CA PHE B 66 -19.47 -10.30 1.00
C PHE B 66 -18.92 -10.58 -0.41
N ALA B 67 -17.71 -11.08 -0.55
CA ALA B 67 -17.19 -11.17 -1.92
C ALA B 67 -18.14 -11.84 -2.87
N LYS B 68 -18.71 -12.96 -2.44
CA LYS B 68 -19.51 -13.76 -3.35
C LYS B 68 -20.58 -12.90 -4.03
N GLN B 69 -21.15 -11.97 -3.26
CA GLN B 69 -22.24 -11.10 -3.65
C GLN B 69 -21.81 -10.02 -4.58
N LEU B 70 -20.51 -9.78 -4.67
CA LEU B 70 -20.04 -8.75 -5.60
C LEU B 70 -20.21 -9.15 -7.13
N PRO B 71 -20.98 -8.34 -7.86
CA PRO B 71 -21.06 -8.43 -9.32
C PRO B 71 -19.66 -8.66 -9.93
N GLY B 72 -19.44 -9.92 -10.37
CA GLY B 72 -18.20 -10.36 -10.98
C GLY B 72 -17.42 -11.42 -10.24
N PHE B 73 -17.60 -11.52 -8.92
CA PHE B 73 -16.69 -12.33 -8.13
C PHE B 73 -16.84 -13.86 -8.37
N LEU B 74 -18.07 -14.37 -8.39
CA LEU B 74 -18.21 -15.81 -8.75
C LEU B 74 -17.75 -16.11 -10.17
N GLN B 75 -17.96 -15.17 -11.10
CA GLN B 75 -17.38 -15.20 -12.47
C GLN B 75 -15.93 -15.73 -12.58
N LEU B 76 -14.95 -14.96 -12.12
CA LEU B 76 -13.56 -15.41 -12.06
C LEU B 76 -13.30 -16.89 -11.68
N SER B 77 -12.34 -17.52 -12.36
CA SER B 77 -11.65 -18.73 -11.84
C SER B 77 -11.63 -18.76 -10.32
N ARG B 78 -12.20 -19.74 -9.65
CA ARG B 78 -12.18 -19.72 -8.17
C ARG B 78 -10.80 -19.74 -7.44
N GLU B 79 -9.71 -20.05 -8.16
CA GLU B 79 -8.39 -19.81 -7.58
C GLU B 79 -8.03 -18.32 -7.51
N ASP B 80 -8.61 -17.53 -8.41
CA ASP B 80 -8.58 -16.08 -8.36
C ASP B 80 -9.35 -15.61 -7.20
N GLN B 81 -10.63 -15.95 -7.18
CA GLN B 81 -11.41 -15.53 -6.05
C GLN B 81 -10.88 -16.17 -4.80
N ILE B 82 -10.10 -17.25 -4.90
CA ILE B 82 -9.35 -17.58 -3.70
C ILE B 82 -8.26 -16.51 -3.48
N ALA B 83 -7.46 -16.28 -4.50
CA ALA B 83 -6.26 -15.47 -4.36
C ALA B 83 -6.66 -14.12 -3.81
N LEU B 84 -7.82 -13.62 -4.20
CA LEU B 84 -8.20 -12.31 -3.80
C LEU B 84 -8.68 -12.37 -2.40
N LEU B 85 -9.44 -13.41 -2.06
CA LEU B 85 -9.96 -13.46 -0.69
C LEU B 85 -8.85 -13.59 0.35
N LYS B 86 -7.74 -14.23 -0.07
CA LYS B 86 -6.74 -14.78 0.82
C LYS B 86 -5.90 -13.67 1.38
N THR B 87 -5.70 -12.65 0.58
CA THR B 87 -4.78 -11.64 1.07
C THR B 87 -5.46 -10.24 1.19
N SER B 88 -6.76 -10.21 0.96
CA SER B 88 -7.55 -9.02 1.18
C SER B 88 -8.02 -9.14 2.61
N ALA B 89 -8.19 -10.37 3.08
CA ALA B 89 -8.80 -10.62 4.38
C ALA B 89 -8.38 -9.64 5.54
N ILE B 90 -7.10 -9.48 5.89
CA ILE B 90 -6.85 -8.57 7.02
C ILE B 90 -7.19 -7.21 6.66
N GLU B 91 -7.01 -6.86 5.39
CA GLU B 91 -7.18 -5.46 5.01
C GLU B 91 -8.65 -5.15 5.34
N VAL B 92 -9.49 -6.09 4.98
CA VAL B 92 -10.90 -5.90 5.17
C VAL B 92 -11.21 -6.02 6.63
N MET B 93 -10.56 -6.95 7.28
CA MET B 93 -10.86 -7.08 8.68
C MET B 93 -10.37 -5.88 9.53
N LEU B 94 -9.39 -5.15 9.00
CA LEU B 94 -8.76 -3.98 9.60
C LEU B 94 -9.64 -2.81 9.32
N LEU B 95 -10.30 -2.87 8.19
CA LEU B 95 -11.15 -1.80 7.78
C LEU B 95 -12.38 -1.83 8.69
N GLU B 96 -12.84 -3.01 9.01
CA GLU B 96 -14.01 -3.08 9.84
C GLU B 96 -13.62 -2.82 11.25
N THR B 97 -12.43 -3.23 11.63
CA THR B 97 -11.98 -2.97 12.99
C THR B 97 -11.97 -1.49 13.16
N SER B 98 -11.58 -0.80 12.09
CA SER B 98 -11.61 0.67 11.96
C SER B 98 -12.99 1.33 12.11
N ARG B 99 -14.06 0.80 11.47
CA ARG B 99 -15.44 1.17 11.89
C ARG B 99 -15.47 0.52 13.22
N ARG B 100 -16.59 0.29 13.87
CA ARG B 100 -16.48 -0.51 15.11
C ARG B 100 -15.35 -0.07 16.10
N TYR B 101 -15.06 1.22 16.21
CA TYR B 101 -13.96 1.74 17.00
C TYR B 101 -14.50 2.95 17.71
N ASN B 102 -14.19 3.09 19.00
CA ASN B 102 -14.79 4.07 19.90
C ASN B 102 -13.70 5.05 20.41
N PRO B 103 -13.66 6.31 19.92
CA PRO B 103 -12.59 7.27 20.25
C PRO B 103 -12.36 7.71 21.69
N GLY B 104 -13.28 7.39 22.60
CA GLY B 104 -13.21 7.92 23.97
C GLY B 104 -12.70 6.77 24.79
N SER B 105 -13.20 5.59 24.45
CA SER B 105 -12.71 4.38 25.04
C SER B 105 -11.27 4.02 24.71
N GLU B 106 -10.61 4.80 23.83
CA GLU B 106 -9.52 4.28 22.95
C GLU B 106 -9.66 2.74 22.56
N SER B 107 -10.89 2.26 22.28
CA SER B 107 -11.21 0.84 22.11
C SER B 107 -12.08 0.41 20.85
N ILE B 108 -12.33 -0.90 20.69
CA ILE B 108 -13.06 -1.45 19.53
C ILE B 108 -14.13 -2.45 20.00
N THR B 109 -15.36 -2.38 19.44
CA THR B 109 -16.48 -3.29 19.81
C THR B 109 -16.68 -4.37 18.76
N ASP B 113 -21.40 -5.47 22.31
CA ASP B 113 -21.56 -4.92 23.68
C ASP B 113 -20.35 -5.03 24.62
N PHE B 114 -19.44 -5.95 24.28
CA PHE B 114 -18.09 -5.81 24.78
C PHE B 114 -17.04 -5.45 23.73
N SER B 115 -15.92 -4.95 24.29
CA SER B 115 -14.95 -4.10 23.63
C SER B 115 -13.52 -4.51 23.97
N TYR B 116 -12.57 -3.87 23.27
CA TYR B 116 -11.20 -4.35 23.12
C TYR B 116 -10.11 -3.26 23.21
N ASN B 117 -9.56 -3.12 24.40
CA ASN B 117 -8.36 -2.35 24.66
C ASN B 117 -7.04 -2.81 23.96
N ARG B 118 -6.01 -1.98 24.09
CA ARG B 118 -4.66 -2.44 23.82
C ARG B 118 -4.28 -3.53 24.79
N GLU B 119 -4.49 -3.29 26.10
CA GLU B 119 -4.02 -4.22 27.10
C GLU B 119 -4.75 -5.50 26.79
N ASP B 120 -6.04 -5.43 26.36
CA ASP B 120 -6.74 -6.65 25.90
C ASP B 120 -5.94 -7.33 24.79
N PHE B 121 -5.65 -6.61 23.70
CA PHE B 121 -4.92 -7.16 22.55
C PHE B 121 -3.64 -7.81 23.04
N ALA B 122 -2.87 -7.00 23.78
CA ALA B 122 -1.73 -7.41 24.58
C ALA B 122 -2.01 -8.49 25.62
N LYS B 123 -3.26 -8.89 25.85
CA LYS B 123 -3.49 -9.88 26.90
C LYS B 123 -3.47 -11.22 26.30
N ALA B 124 -4.13 -11.41 25.15
CA ALA B 124 -3.87 -12.59 24.37
C ALA B 124 -2.37 -12.51 24.07
N GLY B 125 -1.84 -13.43 23.28
CA GLY B 125 -0.41 -13.42 23.04
C GLY B 125 0.19 -12.30 22.18
N LEU B 126 -0.66 -11.46 21.54
CA LEU B 126 -0.28 -10.46 20.50
C LEU B 126 0.74 -9.40 20.93
N GLN B 127 0.68 -9.10 22.22
CA GLN B 127 1.77 -8.51 23.04
C GLN B 127 3.02 -7.95 22.31
N VAL B 128 2.83 -7.52 21.05
CA VAL B 128 3.80 -6.60 20.53
C VAL B 128 3.07 -5.47 19.91
N GLU B 129 3.82 -4.65 19.19
CA GLU B 129 3.23 -3.69 18.30
C GLU B 129 3.24 -4.12 16.79
N PHE B 130 2.42 -5.15 16.65
CA PHE B 130 1.34 -5.23 15.74
C PHE B 130 0.26 -4.35 16.36
N ILE B 131 0.04 -4.48 17.67
CA ILE B 131 -1.07 -3.77 18.32
C ILE B 131 -1.12 -2.25 18.05
N ASN B 132 0.01 -1.58 18.22
CA ASN B 132 -0.02 -0.15 18.07
C ASN B 132 -0.37 0.31 16.68
N PRO B 133 0.26 -0.20 15.64
CA PRO B 133 -0.31 -0.03 14.30
C PRO B 133 -1.85 -0.26 14.28
N ILE B 134 -2.41 -1.46 14.50
CA ILE B 134 -3.85 -1.69 14.43
C ILE B 134 -4.62 -0.52 15.03
N PHE B 135 -4.18 -0.03 16.19
CA PHE B 135 -4.94 1.03 16.88
C PHE B 135 -4.71 2.44 16.32
N GLU B 136 -3.48 2.73 15.97
CA GLU B 136 -3.20 3.99 15.25
C GLU B 136 -4.04 4.12 13.91
N PHE B 137 -4.17 3.02 13.17
CA PHE B 137 -4.98 3.00 11.95
C PHE B 137 -6.43 3.25 12.28
N SER B 138 -6.93 2.64 13.35
CA SER B 138 -8.33 2.80 13.68
C SER B 138 -8.60 4.25 14.07
N ARG B 139 -7.82 4.87 14.94
CA ARG B 139 -8.07 6.31 15.03
C ARG B 139 -7.97 7.13 13.65
N ALA B 140 -7.07 6.81 12.72
CA ALA B 140 -7.06 7.63 11.48
C ALA B 140 -8.34 7.48 10.60
N MET B 141 -8.82 6.24 10.49
CA MET B 141 -9.94 5.93 9.61
C MET B 141 -11.24 6.36 10.27
N ASN B 142 -11.26 6.33 11.59
CA ASN B 142 -12.41 6.83 12.31
C ASN B 142 -12.65 8.34 12.08
N GLU B 143 -11.56 9.11 12.04
CA GLU B 143 -11.58 10.53 11.81
C GLU B 143 -12.12 10.92 10.45
N LEU B 144 -11.86 10.11 9.44
CA LEU B 144 -12.39 10.36 8.12
C LEU B 144 -13.87 10.57 8.22
N GLN B 145 -14.47 9.80 9.13
CA GLN B 145 -15.89 9.92 9.37
C GLN B 145 -16.70 9.47 8.11
N LEU B 146 -16.16 8.53 7.34
CA LEU B 146 -16.88 7.75 6.33
C LEU B 146 -18.16 7.15 6.86
N ASN B 147 -19.00 6.74 5.93
CA ASN B 147 -20.31 6.12 6.20
C ASN B 147 -20.44 4.67 5.61
N ASP B 148 -21.63 4.08 5.71
CA ASP B 148 -21.83 2.73 5.18
C ASP B 148 -21.46 2.50 3.71
N ALA B 149 -21.56 3.55 2.89
CA ALA B 149 -21.30 3.45 1.43
C ALA B 149 -19.84 3.53 1.16
N GLU B 150 -19.19 4.51 1.79
CA GLU B 150 -17.80 4.76 1.48
C GLU B 150 -16.99 3.55 1.96
N PHE B 151 -17.35 3.00 3.14
CA PHE B 151 -16.74 1.77 3.63
C PHE B 151 -16.86 0.52 2.81
N ALA B 152 -18.05 0.18 2.36
CA ALA B 152 -18.20 -0.96 1.50
C ALA B 152 -17.50 -0.69 0.18
N LEU B 153 -17.62 0.55 -0.29
CA LEU B 153 -17.10 0.84 -1.60
C LEU B 153 -15.67 0.42 -1.42
N LEU B 154 -15.15 0.80 -0.24
CA LEU B 154 -13.71 0.80 -0.09
C LEU B 154 -13.25 -0.60 0.12
N ILE B 155 -13.95 -1.37 0.96
CA ILE B 155 -13.72 -2.80 0.95
C ILE B 155 -13.75 -3.46 -0.46
N ALA B 156 -14.80 -3.18 -1.26
CA ALA B 156 -14.77 -3.79 -2.60
C ALA B 156 -13.52 -3.44 -3.48
N ILE B 157 -13.03 -2.18 -3.42
CA ILE B 157 -11.76 -1.87 -4.09
C ILE B 157 -10.73 -2.81 -3.46
N SER B 158 -10.48 -2.64 -2.17
CA SER B 158 -9.53 -3.51 -1.48
C SER B 158 -9.52 -5.05 -1.88
N ILE B 159 -10.68 -5.67 -2.14
CA ILE B 159 -10.74 -7.04 -2.63
C ILE B 159 -10.26 -7.26 -4.07
N PHE B 160 -10.63 -6.41 -5.04
CA PHE B 160 -10.19 -6.50 -6.44
C PHE B 160 -8.82 -5.83 -6.76
N SER B 161 -7.85 -6.20 -5.95
CA SER B 161 -6.47 -5.81 -6.18
C SER B 161 -5.73 -6.75 -7.13
N ALA B 162 -5.55 -6.24 -8.35
CA ALA B 162 -4.87 -6.95 -9.45
C ALA B 162 -3.63 -7.63 -8.88
N ASP B 163 -2.88 -6.88 -8.07
CA ASP B 163 -1.57 -7.31 -7.62
C ASP B 163 -1.46 -8.33 -6.50
N ARG B 164 -2.50 -9.04 -6.03
CA ARG B 164 -2.24 -10.13 -5.04
C ARG B 164 -1.29 -11.22 -5.56
N PRO B 165 -0.61 -11.99 -4.70
CA PRO B 165 0.12 -13.19 -5.20
C PRO B 165 -0.74 -14.23 -5.97
N ASN B 166 -0.09 -14.98 -6.89
CA ASN B 166 -0.78 -15.84 -7.93
C ASN B 166 -2.26 -15.57 -8.26
N VAL B 167 -2.51 -14.99 -9.46
CA VAL B 167 -3.81 -14.53 -9.92
C VAL B 167 -3.92 -14.59 -11.44
N GLN B 168 -4.57 -15.59 -12.06
CA GLN B 168 -4.77 -15.61 -13.55
C GLN B 168 -5.26 -14.27 -14.24
N ASP B 169 -6.53 -13.91 -14.08
CA ASP B 169 -7.14 -12.79 -14.82
C ASP B 169 -6.85 -11.36 -14.24
N GLN B 170 -5.58 -10.97 -14.21
CA GLN B 170 -5.18 -9.65 -13.70
C GLN B 170 -5.90 -8.48 -14.35
N LEU B 171 -6.23 -8.58 -15.64
CA LEU B 171 -6.98 -7.51 -16.23
C LEU B 171 -8.41 -7.60 -15.73
N GLN B 172 -8.95 -8.78 -15.52
CA GLN B 172 -10.34 -8.78 -15.02
C GLN B 172 -10.46 -8.10 -13.67
N VAL B 173 -9.47 -8.33 -12.83
CA VAL B 173 -9.55 -7.86 -11.47
C VAL B 173 -9.38 -6.34 -11.47
N GLU B 174 -8.27 -5.81 -12.01
CA GLU B 174 -8.02 -4.34 -12.06
C GLU B 174 -9.17 -3.61 -12.73
N ARG B 175 -10.07 -4.40 -13.29
CA ARG B 175 -11.15 -3.95 -14.16
C ARG B 175 -12.48 -3.83 -13.41
N LEU B 176 -12.90 -4.88 -12.69
CA LEU B 176 -13.97 -4.78 -11.70
C LEU B 176 -13.57 -3.83 -10.54
N GLN B 177 -12.26 -3.62 -10.35
CA GLN B 177 -11.79 -2.67 -9.35
C GLN B 177 -12.41 -1.39 -9.80
N HIS B 178 -12.11 -1.03 -11.05
CA HIS B 178 -12.29 0.33 -11.59
C HIS B 178 -13.73 0.83 -11.44
N THR B 179 -14.68 -0.08 -11.59
CA THR B 179 -16.09 0.16 -11.40
C THR B 179 -16.31 0.72 -10.04
N TYR B 180 -15.85 0.04 -9.01
CA TYR B 180 -15.95 0.61 -7.68
C TYR B 180 -15.16 1.91 -7.55
N VAL B 181 -13.96 1.98 -8.12
CA VAL B 181 -13.18 3.17 -7.96
C VAL B 181 -13.95 4.38 -8.51
N GLU B 182 -14.60 4.26 -9.66
CA GLU B 182 -15.16 5.49 -10.24
C GLU B 182 -16.49 5.78 -9.56
N ALA B 183 -17.15 4.72 -9.14
CA ALA B 183 -18.35 4.92 -8.35
C ALA B 183 -17.98 5.76 -7.10
N LEU B 184 -16.91 5.41 -6.40
CA LEU B 184 -16.62 6.16 -5.26
C LEU B 184 -16.17 7.58 -5.68
N HIS B 185 -15.60 7.75 -6.87
CA HIS B 185 -15.05 9.06 -7.07
C HIS B 185 -16.27 9.88 -7.25
N ALA B 186 -17.22 9.37 -8.03
CA ALA B 186 -18.50 10.05 -8.24
C ALA B 186 -19.30 10.29 -6.95
N TYR B 187 -19.42 9.26 -6.13
CA TYR B 187 -20.13 9.37 -4.91
C TYR B 187 -19.63 10.47 -4.00
N VAL B 188 -18.32 10.74 -4.07
CA VAL B 188 -17.67 11.59 -3.10
C VAL B 188 -17.88 12.97 -3.61
N SER B 189 -17.98 13.07 -4.93
CA SER B 189 -17.93 14.38 -5.60
C SER B 189 -19.24 15.02 -5.36
N ILE B 190 -20.23 14.14 -5.20
CA ILE B 190 -21.61 14.51 -5.09
C ILE B 190 -21.84 14.88 -3.72
N HIS B 191 -21.35 14.05 -2.78
CA HIS B 191 -21.58 14.20 -1.31
C HIS B 191 -20.56 14.92 -0.37
N HIS B 192 -19.30 15.09 -0.79
CA HIS B 192 -18.36 15.88 -0.04
C HIS B 192 -18.03 17.02 -0.98
N PRO B 193 -19.05 17.79 -1.32
CA PRO B 193 -18.85 18.93 -2.24
C PRO B 193 -17.71 19.82 -1.83
N HIS B 194 -17.45 19.98 -0.55
CA HIS B 194 -16.42 20.94 -0.12
C HIS B 194 -15.11 20.32 0.40
N ASP B 195 -14.97 19.01 0.21
CA ASP B 195 -13.80 18.30 0.66
C ASP B 195 -13.69 17.20 -0.37
N ARG B 196 -13.14 17.52 -1.55
CA ARG B 196 -12.95 16.55 -2.65
C ARG B 196 -11.67 15.73 -2.57
N LEU B 197 -10.80 16.07 -1.62
CA LEU B 197 -9.65 15.27 -1.30
C LEU B 197 -10.04 14.15 -0.35
N MET B 198 -11.32 13.90 -0.12
CA MET B 198 -11.68 12.75 0.74
C MET B 198 -11.43 11.51 -0.12
N PHE B 199 -11.40 11.70 -1.43
CA PHE B 199 -11.25 10.58 -2.34
C PHE B 199 -9.83 10.01 -2.38
N PRO B 200 -8.81 10.78 -2.81
CA PRO B 200 -7.45 10.27 -2.75
C PRO B 200 -7.02 10.04 -1.33
N ARG B 201 -7.50 10.86 -0.38
CA ARG B 201 -7.39 10.57 1.13
C ARG B 201 -7.79 9.17 1.50
N MET B 202 -8.96 8.72 1.01
CA MET B 202 -9.50 7.35 1.33
C MET B 202 -8.82 6.26 0.60
N LEU B 203 -8.75 6.44 -0.72
CA LEU B 203 -8.09 5.59 -1.68
C LEU B 203 -6.76 5.23 -1.17
N MET B 204 -5.95 6.24 -0.86
CA MET B 204 -4.69 6.02 -0.18
C MET B 204 -4.67 5.19 1.12
N LYS B 205 -5.77 4.84 1.77
CA LYS B 205 -5.59 3.99 2.94
C LYS B 205 -5.24 2.59 2.55
N LEU B 206 -5.68 2.20 1.38
CA LEU B 206 -5.25 0.93 0.78
C LEU B 206 -3.72 0.81 0.89
N VAL B 207 -3.00 1.95 0.81
CA VAL B 207 -1.55 1.89 0.77
C VAL B 207 -1.10 1.55 2.22
N SER B 208 -1.70 2.23 3.16
CA SER B 208 -1.37 2.06 4.52
C SER B 208 -1.81 0.63 4.90
N LEU B 209 -2.77 0.15 4.14
CA LEU B 209 -3.29 -1.15 4.39
C LEU B 209 -2.32 -2.26 3.93
N ARG B 210 -1.26 -1.84 3.24
CA ARG B 210 -0.37 -2.85 2.71
C ARG B 210 0.62 -3.03 3.78
N THR B 211 0.94 -1.94 4.52
CA THR B 211 1.90 -1.98 5.61
C THR B 211 1.33 -2.72 6.82
N LEU B 212 0.13 -2.31 7.28
CA LEU B 212 -0.54 -3.05 8.36
C LEU B 212 -0.53 -4.56 8.09
N SER B 213 -0.95 -4.94 6.90
CA SER B 213 -1.08 -6.38 6.58
C SER B 213 0.27 -7.06 6.78
N SER B 214 1.29 -6.61 6.07
CA SER B 214 2.66 -7.00 6.42
C SER B 214 3.03 -7.07 7.90
N VAL B 215 2.65 -6.08 8.69
CA VAL B 215 2.91 -6.12 10.14
C VAL B 215 2.10 -7.27 10.79
N HIS B 216 1.02 -7.67 10.15
CA HIS B 216 0.21 -8.78 10.67
C HIS B 216 0.86 -10.13 10.41
N SER B 217 1.54 -10.31 9.25
CA SER B 217 2.34 -11.50 8.96
C SER B 217 3.49 -11.62 9.96
N GLU B 218 4.28 -10.57 10.08
CA GLU B 218 5.27 -10.54 11.11
C GLU B 218 4.67 -10.86 12.45
N GLN B 219 3.37 -10.62 12.67
CA GLN B 219 2.74 -10.98 13.96
C GLN B 219 2.49 -12.45 13.98
N VAL B 220 1.97 -12.95 12.85
CA VAL B 220 1.64 -14.36 12.65
C VAL B 220 2.94 -15.13 12.73
N PHE B 221 4.04 -14.52 12.26
CA PHE B 221 5.33 -15.21 12.18
C PHE B 221 5.84 -15.41 13.63
N ALA B 222 5.77 -14.32 14.38
CA ALA B 222 6.19 -14.18 15.79
C ALA B 222 5.75 -15.28 16.72
N LEU B 223 4.47 -15.60 16.69
CA LEU B 223 3.99 -16.61 17.59
C LEU B 223 3.95 -17.99 16.90
N ARG B 224 4.26 -18.10 15.62
CA ARG B 224 4.30 -19.44 15.00
C ARG B 224 5.61 -20.07 15.38
N LEU B 225 6.58 -19.25 15.82
CA LEU B 225 7.69 -19.81 16.59
C LEU B 225 7.32 -19.95 18.08
N GLN B 226 6.02 -19.91 18.42
CA GLN B 226 5.60 -20.07 19.82
C GLN B 226 5.19 -21.42 20.42
N ASP B 227 4.85 -22.48 19.68
CA ASP B 227 4.10 -22.53 18.45
C ASP B 227 2.73 -22.16 18.93
N LYS B 228 1.84 -21.74 18.01
CA LYS B 228 0.41 -21.70 18.26
C LYS B 228 -0.42 -22.16 17.05
N LYS B 229 -0.15 -21.57 15.87
CA LYS B 229 -1.04 -21.55 14.64
C LYS B 229 -2.59 -21.42 14.80
N LEU B 230 -3.09 -21.91 15.91
CA LEU B 230 -4.30 -22.70 15.78
C LEU B 230 -4.99 -22.62 14.32
N PRO B 231 -6.12 -21.89 14.16
CA PRO B 231 -7.29 -22.40 13.38
C PRO B 231 -7.14 -22.84 11.90
N PRO B 232 -7.30 -24.11 11.56
CA PRO B 232 -7.27 -24.51 10.14
C PRO B 232 -7.53 -23.33 9.20
N LEU B 233 -8.67 -22.63 9.36
CA LEU B 233 -9.04 -21.56 8.40
C LEU B 233 -7.98 -20.44 8.27
N LEU B 234 -7.67 -19.80 9.39
CA LEU B 234 -6.54 -18.88 9.50
C LEU B 234 -5.18 -19.31 8.84
N SER B 235 -4.67 -20.52 9.16
CA SER B 235 -3.48 -21.09 8.48
C SER B 235 -3.76 -21.35 7.00
N GLU B 236 -5.01 -21.33 6.63
CA GLU B 236 -5.27 -21.61 5.28
C GLU B 236 -5.09 -20.32 4.48
N ILE B 237 -5.52 -19.18 5.03
CA ILE B 237 -5.44 -17.92 4.31
C ILE B 237 -4.05 -17.35 4.46
N TRP B 238 -3.54 -17.46 5.70
CA TRP B 238 -2.29 -16.84 6.15
C TRP B 238 -1.08 -17.70 5.78
N ASP B 239 -1.21 -18.44 4.67
CA ASP B 239 -0.46 -19.70 4.33
C ASP B 239 0.63 -20.26 5.22
N VAL B 240 0.17 -20.83 6.32
CA VAL B 240 0.97 -21.58 7.26
C VAL B 240 1.09 -23.04 6.83
N HIS C 1 23.11 8.51 12.59
CA HIS C 1 23.18 9.15 11.23
C HIS C 1 24.59 9.71 10.84
N LYS C 2 24.53 10.79 10.02
CA LYS C 2 25.52 11.86 9.71
C LYS C 2 25.38 12.44 8.26
N ILE C 3 25.58 11.61 7.22
CA ILE C 3 25.62 12.04 5.80
C ILE C 3 24.39 12.77 5.26
N LEU C 4 23.21 12.18 5.40
CA LEU C 4 21.98 12.84 4.98
C LEU C 4 21.96 14.22 5.58
N HIS C 5 21.96 14.30 6.91
CA HIS C 5 21.91 15.61 7.57
C HIS C 5 22.64 16.70 6.77
N ARG C 6 23.97 16.60 6.66
CA ARG C 6 24.79 17.66 6.07
C ARG C 6 24.47 17.98 4.60
N LEU C 7 23.78 17.05 3.92
CA LEU C 7 23.32 17.35 2.56
C LEU C 7 22.03 18.10 2.66
N LEU C 8 21.20 17.72 3.64
CA LEU C 8 20.01 18.51 3.92
C LEU C 8 20.31 19.96 4.39
N GLN C 9 21.44 20.18 5.09
CA GLN C 9 22.01 21.53 5.25
C GLN C 9 22.66 22.16 3.97
N HIS D 1 -6.22 -23.05 -1.14
CA HIS D 1 -6.87 -24.40 -1.32
C HIS D 1 -7.43 -25.13 -0.05
N LYS D 2 -8.71 -24.93 0.30
CA LYS D 2 -9.58 -25.95 1.05
C LYS D 2 -10.82 -25.67 1.90
N ILE D 3 -10.76 -25.34 3.21
CA ILE D 3 -11.98 -24.87 3.94
C ILE D 3 -12.61 -23.71 3.15
N LEU D 4 -11.79 -22.86 2.53
CA LEU D 4 -12.33 -21.87 1.61
C LEU D 4 -13.18 -22.45 0.52
N HIS D 5 -12.70 -23.44 -0.21
CA HIS D 5 -13.48 -23.99 -1.32
C HIS D 5 -14.91 -24.37 -0.86
N ARG D 6 -15.01 -24.81 0.42
CA ARG D 6 -16.27 -25.14 1.07
C ARG D 6 -17.10 -23.90 1.41
N LEU D 7 -16.51 -22.87 2.02
CA LEU D 7 -17.21 -21.58 2.15
C LEU D 7 -17.68 -21.01 0.78
N LEU D 8 -16.93 -21.29 -0.30
CA LEU D 8 -17.20 -20.77 -1.66
C LEU D 8 -18.28 -21.52 -2.50
N GLN D 9 -17.93 -22.55 -3.29
CA GLN D 9 -18.97 -23.52 -3.73
C GLN D 9 -19.83 -23.84 -2.47
N ASP D 10 -21.07 -23.38 -2.46
CA ASP D 10 -21.92 -23.55 -1.27
C ASP D 10 -23.39 -23.12 -1.45
C1 MEI E . 16.06 -6.68 -6.96
O1 MEI E . 15.78 -5.50 -6.20
C2 MEI E . 16.76 -4.99 -5.34
C3 MEI E . 18.16 -5.62 -5.54
C4 MEI E . 16.12 -5.35 -4.00
C5 MEI E . 16.80 -3.48 -5.52
C6 MEI E . 15.83 -2.78 -4.58
C7 MEI E . 15.52 -1.36 -5.03
C8 MEI E . 16.32 -0.35 -4.20
C9 MEI E . 15.61 1.00 -4.30
C10 MEI E . 17.81 -0.41 -4.58
C11 MEI E . 18.04 0.51 -5.74
C12 MEI E . 18.27 0.19 -7.00
C13 MEI E . 18.39 1.44 -7.72
C14 MEI E . 18.39 2.59 -6.79
C15 MEI E . 18.45 1.64 -9.05
C16 MEI E . 18.62 3.03 -9.61
O2 MEI E . 17.88 4.07 -9.64
O3 MEI E . 19.70 3.15 -10.10
O13 444 F . -10.24 -8.38 16.67
S12 444 F . -9.95 -8.91 15.32
O14 444 F . -10.03 -10.35 15.52
C01 444 F . -11.26 -8.64 14.43
C02 444 F . -11.23 -8.79 13.03
C03 444 F . -12.37 -8.52 12.27
C04 444 F . -13.57 -8.14 12.90
C05 444 F . -13.61 -8.01 14.30
C06 444 F . -12.46 -8.26 15.06
N15 444 F . -8.52 -8.34 14.63
C16 444 F . -8.09 -6.90 14.50
C19 444 F . -7.70 -6.34 13.07
F22 444 F . -8.74 -6.26 12.29
F21 444 F . -6.77 -7.07 12.46
F20 444 F . -7.32 -5.09 13.05
C23 444 F . -7.51 -9.32 14.49
C24 444 F . -7.25 -9.93 13.25
C25 444 F . -6.31 -10.96 13.13
C28 444 F . -6.81 -9.76 15.63
C27 444 F . -5.90 -10.80 15.50
C26 444 F . -5.61 -11.41 14.25
C33 444 F . -4.65 -12.63 14.18
C34 444 F . -3.31 -12.56 14.84
F36 444 F . -2.85 -13.77 14.82
F37 444 F . -3.48 -12.04 16.05
F35 444 F . -2.41 -11.95 14.13
O42 444 F . -4.41 -13.10 12.83
C38 444 F . -5.39 -13.73 15.00
F39 444 F . -4.69 -14.80 15.16
F40 444 F . -5.53 -13.24 16.20
F41 444 F . -6.59 -14.18 14.58
#